data_2OP0
#
_entry.id   2OP0
#
_cell.length_a   132.305
_cell.length_b   132.305
_cell.length_c   82.911
_cell.angle_alpha   90.00
_cell.angle_beta   90.00
_cell.angle_gamma   90.00
#
_symmetry.space_group_name_H-M   'P 43 21 2'
#
loop_
_entity.id
_entity.type
_entity.pdbx_description
1 polymer 'Enoyl-acyl carrier reductase'
2 non-polymer 'SULFATE ION'
3 non-polymer NICOTINAMIDE-ADENINE-DINUCLEOTIDE
4 non-polymer 2-[4-(AMINOMETHYL)-2-CHLOROPHENOXY]-5-PYRIDIN-2-YLPHENOL
5 water water
#
_entity_poly.entity_id   1
_entity_poly.type   'polypeptide(L)'
_entity_poly.pdbx_seq_one_letter_code
;MVHHHHHHNEDICFIAGIGDTNGYGWGIAKELSKRNVKIIFGIWPPVYNIFMKNYKNGKFDNDMIIDKDKKMNILDMLPF
DASFDTANDIDEETKNNKRYNMLQNYTIEDVANLIHQKYGKINMLVHSLANAKEVQKDLLNTSRKGYLDALSKSSYSLIS
LCKYFVNIMKPQSSIISLTYHASQKVVPGYGGGMSSAKAALESDTRVLAYHLGRNYNIRINTISAGPLKSRAATAINKLN
NTYENNTNQNKNRNSHDVHNIMNNSGEKEEKKNSASQNYTFIDYAIEYSEKYAPLRQKLLSTDIGSVASFLLSRESRAIT
GQTIYVDNGLNIMFLPDD
;
_entity_poly.pdbx_strand_id   A,B
#
loop_
_chem_comp.id
_chem_comp.type
_chem_comp.name
_chem_comp.formula
7PC non-polymer 2-[4-(AMINOMETHYL)-2-CHLOROPHENOXY]-5-PYRIDIN-2-YLPHENOL 'C18 H15 Cl N2 O2'
NAD non-polymer NICOTINAMIDE-ADENINE-DINUCLEOTIDE 'C21 H27 N7 O14 P2'
SO4 non-polymer 'SULFATE ION' 'O4 S -2'
#
# COMPACT_ATOMS: atom_id res chain seq x y z
N GLU A 10 -19.70 5.86 -14.98
CA GLU A 10 -18.36 6.11 -15.47
C GLU A 10 -17.43 6.69 -14.39
N ASP A 11 -16.14 6.47 -14.58
CA ASP A 11 -15.09 6.94 -13.69
C ASP A 11 -14.05 7.64 -14.51
N ILE A 12 -13.62 8.81 -14.06
CA ILE A 12 -12.68 9.59 -14.87
C ILE A 12 -11.42 9.95 -14.11
N CYS A 13 -10.28 9.69 -14.73
CA CYS A 13 -8.99 10.03 -14.15
C CYS A 13 -8.26 11.05 -14.99
N PHE A 14 -7.77 12.11 -14.37
CA PHE A 14 -6.90 13.05 -15.09
C PHE A 14 -5.43 12.71 -14.85
N ILE A 15 -4.67 12.47 -15.91
CA ILE A 15 -3.25 12.21 -15.75
C ILE A 15 -2.44 13.41 -16.22
N ALA A 16 -1.88 14.14 -15.25
CA ALA A 16 -1.17 15.36 -15.53
C ALA A 16 0.32 15.10 -15.62
N GLY A 17 0.85 15.01 -16.84
CA GLY A 17 2.28 14.87 -17.02
C GLY A 17 2.63 13.60 -17.78
N ILE A 18 2.64 13.72 -19.09
CA ILE A 18 2.90 12.58 -19.95
C ILE A 18 3.25 13.10 -21.35
N GLY A 19 4.25 12.48 -21.98
CA GLY A 19 4.70 12.90 -23.30
C GLY A 19 4.98 11.70 -24.21
N ASP A 20 4.95 10.50 -23.63
CA ASP A 20 5.13 9.27 -24.40
C ASP A 20 4.52 8.08 -23.66
N THR A 21 4.78 6.89 -24.20
CA THR A 21 4.31 5.66 -23.60
C THR A 21 5.35 5.08 -22.65
N ASN A 22 6.52 5.71 -22.62
CA ASN A 22 7.67 5.13 -21.93
C ASN A 22 7.70 5.44 -20.44
N GLY A 23 6.68 6.13 -19.95
CA GLY A 23 6.70 6.60 -18.58
C GLY A 23 5.68 5.99 -17.66
N TYR A 24 5.55 6.58 -16.48
CA TYR A 24 4.59 6.13 -15.48
C TYR A 24 3.13 6.45 -15.82
N GLY A 25 2.88 7.68 -16.24
CA GLY A 25 1.54 8.10 -16.61
C GLY A 25 0.90 7.09 -17.54
N TRP A 26 1.69 6.58 -18.48
CA TRP A 26 1.17 5.60 -19.42
C TRP A 26 0.87 4.26 -18.78
N GLY A 27 1.83 3.71 -18.05
CA GLY A 27 1.62 2.48 -17.30
C GLY A 27 0.41 2.61 -16.38
N ILE A 28 0.25 3.78 -15.77
CA ILE A 28 -0.86 4.03 -14.89
C ILE A 28 -2.14 4.04 -15.71
N ALA A 29 -2.06 4.64 -16.90
CA ALA A 29 -3.21 4.74 -17.80
C ALA A 29 -3.64 3.36 -18.27
N LYS A 30 -2.70 2.54 -18.67
CA LYS A 30 -3.02 1.18 -19.11
C LYS A 30 -3.77 0.40 -18.03
N GLU A 31 -3.28 0.47 -16.79
CA GLU A 31 -3.88 -0.29 -15.71
C GLU A 31 -5.27 0.23 -15.30
N LEU A 32 -5.42 1.54 -15.22
CA LEU A 32 -6.74 2.12 -14.98
C LEU A 32 -7.76 1.65 -16.02
N SER A 33 -7.33 1.55 -17.27
CA SER A 33 -8.19 1.10 -18.34
C SER A 33 -8.74 -0.29 -18.06
N LYS A 34 -7.99 -1.07 -17.29
CA LYS A 34 -8.44 -2.41 -16.93
C LYS A 34 -9.73 -2.37 -16.12
N ARG A 35 -9.90 -1.33 -15.32
CA ARG A 35 -11.14 -1.11 -14.58
C ARG A 35 -12.07 -0.18 -15.34
N ASN A 36 -11.88 -0.09 -16.65
CA ASN A 36 -12.74 0.74 -17.50
C ASN A 36 -12.86 2.20 -17.04
N VAL A 37 -11.73 2.77 -16.63
CA VAL A 37 -11.70 4.16 -16.22
C VAL A 37 -11.46 5.01 -17.46
N LYS A 38 -12.23 6.07 -17.64
CA LYS A 38 -11.99 6.95 -18.78
C LYS A 38 -10.81 7.86 -18.43
N ILE A 39 -9.89 8.02 -19.37
CA ILE A 39 -8.61 8.69 -19.12
C ILE A 39 -8.55 10.04 -19.82
N ILE A 40 -8.18 11.10 -19.10
CA ILE A 40 -7.86 12.38 -19.74
C ILE A 40 -6.40 12.68 -19.50
N PHE A 41 -5.63 12.88 -20.56
CA PHE A 41 -4.22 13.21 -20.48
C PHE A 41 -3.96 14.71 -20.55
N GLY A 42 -3.20 15.22 -19.60
CA GLY A 42 -2.66 16.57 -19.69
C GLY A 42 -1.24 16.51 -20.20
N ILE A 43 -0.97 17.21 -21.31
CA ILE A 43 0.35 17.20 -21.94
C ILE A 43 0.97 18.59 -21.90
N TRP A 44 2.22 18.66 -21.47
CA TRP A 44 3.02 19.89 -21.50
C TRP A 44 2.96 20.47 -22.89
N PRO A 45 2.46 21.71 -22.99
CA PRO A 45 2.11 22.31 -24.28
C PRO A 45 3.17 22.14 -25.36
N PRO A 46 4.45 22.37 -25.03
CA PRO A 46 5.52 22.34 -26.04
C PRO A 46 5.70 21.00 -26.74
N VAL A 47 5.18 19.91 -26.18
CA VAL A 47 5.25 18.63 -26.87
C VAL A 47 3.86 18.09 -27.21
N TYR A 48 2.84 18.86 -26.88
CA TYR A 48 1.46 18.48 -27.13
C TYR A 48 1.16 18.13 -28.59
N ASN A 49 1.47 19.01 -29.52
CA ASN A 49 1.13 18.75 -30.92
C ASN A 49 1.86 17.51 -31.46
N ILE A 50 3.15 17.39 -31.14
CA ILE A 50 3.90 16.18 -31.43
C ILE A 50 3.12 14.96 -30.94
N PHE A 51 2.77 14.97 -29.66
CA PHE A 51 2.04 13.87 -29.06
C PHE A 51 0.77 13.62 -29.84
N MET A 52 0.09 14.69 -30.21
CA MET A 52 -1.18 14.56 -30.90
C MET A 52 -0.98 13.95 -32.27
N LYS A 53 0.12 14.34 -32.91
CA LYS A 53 0.50 13.80 -34.20
C LYS A 53 0.77 12.29 -34.12
N ASN A 54 1.66 11.92 -33.21
CA ASN A 54 2.02 10.53 -33.00
C ASN A 54 0.80 9.68 -32.72
N TYR A 55 -0.14 10.26 -31.99
CA TYR A 55 -1.39 9.60 -31.70
C TYR A 55 -2.14 9.31 -33.01
N LYS A 56 -2.33 10.35 -33.81
CA LYS A 56 -2.96 10.24 -35.13
C LYS A 56 -2.28 9.19 -36.02
N ASN A 57 -0.96 9.31 -36.20
CA ASN A 57 -0.18 8.35 -36.98
C ASN A 57 -0.15 6.95 -36.39
N GLY A 58 -1.05 6.68 -35.46
CA GLY A 58 -1.21 5.36 -34.89
C GLY A 58 -0.03 4.86 -34.08
N LYS A 59 0.94 5.74 -33.83
CA LYS A 59 2.17 5.35 -33.13
C LYS A 59 1.91 4.72 -31.75
N PHE A 60 0.82 5.11 -31.10
CA PHE A 60 0.49 4.58 -29.79
C PHE A 60 -0.54 3.44 -29.84
N ASP A 61 -0.79 2.93 -31.04
CA ASP A 61 -1.86 1.95 -31.22
C ASP A 61 -1.66 0.64 -30.46
N ASN A 62 -0.46 0.07 -30.56
CA ASN A 62 -0.16 -1.17 -29.87
C ASN A 62 -0.03 -0.98 -28.37
N ASP A 63 0.47 0.19 -27.98
CA ASP A 63 0.67 0.51 -26.57
C ASP A 63 -0.66 0.75 -25.89
N MET A 64 -1.71 0.80 -26.69
CA MET A 64 -3.01 1.23 -26.22
C MET A 64 -3.92 0.04 -25.97
N ILE A 65 -3.46 -1.14 -26.40
CA ILE A 65 -4.27 -2.36 -26.29
C ILE A 65 -4.14 -3.02 -24.92
N ILE A 66 -5.28 -3.31 -24.30
CA ILE A 66 -5.33 -3.85 -22.94
C ILE A 66 -6.10 -5.16 -22.91
N ASP A 69 -7.67 -8.09 -24.18
CA ASP A 69 -7.79 -7.41 -25.46
C ASP A 69 -9.00 -6.47 -25.51
N LYS A 70 -8.71 -5.19 -25.30
CA LYS A 70 -9.69 -4.12 -25.27
C LYS A 70 -8.88 -2.86 -25.50
N LYS A 71 -9.48 -1.83 -26.06
CA LYS A 71 -8.71 -0.62 -26.33
C LYS A 71 -8.83 0.39 -25.21
N MET A 72 -7.69 0.94 -24.82
CA MET A 72 -7.64 2.03 -23.86
C MET A 72 -8.56 3.17 -24.30
N ASN A 73 -9.46 3.56 -23.42
CA ASN A 73 -10.37 4.65 -23.73
C ASN A 73 -9.78 5.97 -23.25
N ILE A 74 -9.17 6.70 -24.17
CA ILE A 74 -8.65 8.04 -23.91
C ILE A 74 -9.72 9.08 -24.18
N LEU A 75 -10.32 9.61 -23.12
CA LEU A 75 -11.42 10.55 -23.23
C LEU A 75 -11.01 11.84 -23.96
N ASP A 76 -9.85 12.40 -23.61
CA ASP A 76 -9.38 13.63 -24.24
C ASP A 76 -7.88 13.81 -23.97
N MET A 77 -7.27 14.72 -24.72
CA MET A 77 -5.87 15.04 -24.51
C MET A 77 -5.71 16.56 -24.60
N LEU A 78 -5.30 17.17 -23.50
CA LEU A 78 -5.32 18.62 -23.42
C LEU A 78 -3.94 19.16 -23.12
N PRO A 79 -3.61 20.34 -23.66
CA PRO A 79 -2.40 21.02 -23.26
C PRO A 79 -2.50 21.33 -21.77
N PHE A 80 -1.41 21.15 -21.04
CA PHE A 80 -1.43 21.33 -19.60
C PHE A 80 -0.05 21.75 -19.12
N ASP A 81 0.03 22.93 -18.50
CA ASP A 81 1.31 23.45 -18.02
C ASP A 81 1.28 23.66 -16.50
N ALA A 82 1.98 22.80 -15.80
CA ALA A 82 1.93 22.74 -14.34
C ALA A 82 2.67 23.90 -13.69
N SER A 83 3.28 24.72 -14.54
CA SER A 83 4.00 25.88 -14.04
C SER A 83 3.11 27.11 -13.93
N PHE A 84 1.92 27.08 -14.55
CA PHE A 84 1.00 28.22 -14.51
C PHE A 84 -0.31 27.87 -13.81
N ASP A 85 -0.65 28.62 -12.78
CA ASP A 85 -1.88 28.38 -12.03
C ASP A 85 -3.13 28.85 -12.76
N THR A 86 -3.18 30.14 -13.06
CA THR A 86 -4.31 30.70 -13.78
C THR A 86 -3.85 31.42 -15.02
N ALA A 87 -4.81 31.90 -15.81
CA ALA A 87 -4.51 32.66 -17.01
C ALA A 87 -3.71 33.88 -16.62
N ASN A 88 -4.07 34.45 -15.49
CA ASN A 88 -3.42 35.65 -14.97
C ASN A 88 -1.90 35.47 -14.88
N ASP A 89 -1.46 34.23 -14.77
CA ASP A 89 -0.03 33.96 -14.58
C ASP A 89 0.71 33.78 -15.89
N ILE A 90 -0.03 33.59 -16.97
CA ILE A 90 0.64 33.42 -18.26
C ILE A 90 1.32 34.75 -18.59
N ASP A 91 2.63 34.77 -18.36
CA ASP A 91 3.41 36.00 -18.44
C ASP A 91 4.32 36.01 -19.65
N GLU A 92 4.06 36.95 -20.56
CA GLU A 92 4.92 37.22 -21.69
C GLU A 92 6.36 37.31 -21.22
N GLU A 93 7.31 36.78 -21.99
CA GLU A 93 7.06 36.23 -23.33
C GLU A 93 5.94 35.21 -23.45
N THR A 94 6.03 34.14 -22.64
CA THR A 94 5.25 32.92 -22.84
C THR A 94 4.04 33.02 -23.78
N LYS A 95 3.20 34.02 -23.56
CA LYS A 95 2.00 34.22 -24.36
C LYS A 95 2.30 34.26 -25.86
N ASN A 96 3.44 34.84 -26.23
CA ASN A 96 3.82 34.91 -27.64
C ASN A 96 4.99 33.99 -27.99
N ASN A 97 5.06 32.85 -27.31
CA ASN A 97 6.06 31.84 -27.62
C ASN A 97 5.59 30.91 -28.73
N LYS A 98 6.49 30.61 -29.66
CA LYS A 98 6.19 29.80 -30.84
C LYS A 98 5.18 28.68 -30.57
N ARG A 99 5.37 27.94 -29.50
CA ARG A 99 4.51 26.78 -29.20
C ARG A 99 3.21 27.17 -28.50
N TYR A 100 3.35 27.95 -27.44
CA TYR A 100 2.22 28.29 -26.57
C TYR A 100 1.08 29.07 -27.23
N ASN A 101 1.41 30.07 -28.05
CA ASN A 101 0.40 30.98 -28.60
C ASN A 101 -0.67 30.32 -29.47
N MET A 102 -0.35 29.17 -30.05
CA MET A 102 -1.30 28.45 -30.86
C MET A 102 -2.19 27.56 -30.02
N LEU A 103 -1.85 27.42 -28.75
CA LEU A 103 -2.67 26.66 -27.82
C LEU A 103 -3.36 27.56 -26.82
N GLN A 104 -4.37 27.02 -26.15
CA GLN A 104 -5.18 27.82 -25.24
C GLN A 104 -5.74 26.98 -24.07
N ASN A 105 -5.91 27.63 -22.92
CA ASN A 105 -6.52 27.00 -21.75
C ASN A 105 -5.70 25.88 -21.13
N TYR A 106 -4.39 26.10 -21.05
CA TYR A 106 -3.47 25.09 -20.57
C TYR A 106 -2.96 25.36 -19.18
N THR A 107 -3.45 26.42 -18.54
CA THR A 107 -3.08 26.67 -17.15
C THR A 107 -3.88 25.70 -16.30
N ILE A 108 -3.42 25.48 -15.07
CA ILE A 108 -4.01 24.48 -14.20
C ILE A 108 -5.50 24.73 -14.00
N GLU A 109 -5.86 25.94 -13.59
CA GLU A 109 -7.26 26.30 -13.41
C GLU A 109 -8.06 26.23 -14.71
N ASP A 110 -7.45 26.64 -15.81
CA ASP A 110 -8.11 26.57 -17.10
C ASP A 110 -8.47 25.13 -17.47
N VAL A 111 -7.53 24.22 -17.27
CA VAL A 111 -7.75 22.81 -17.58
C VAL A 111 -8.88 22.23 -16.70
N ALA A 112 -8.88 22.57 -15.41
CA ALA A 112 -9.94 22.12 -14.52
C ALA A 112 -11.32 22.57 -15.00
N ASN A 113 -11.39 23.75 -15.59
CA ASN A 113 -12.65 24.24 -16.12
C ASN A 113 -13.12 23.49 -17.37
N LEU A 114 -12.21 23.27 -18.32
CA LEU A 114 -12.52 22.47 -19.52
C LEU A 114 -13.07 21.09 -19.15
N ILE A 115 -12.28 20.34 -18.38
CA ILE A 115 -12.68 19.01 -17.97
C ILE A 115 -14.06 19.02 -17.34
N HIS A 116 -14.26 19.94 -16.39
CA HIS A 116 -15.54 20.05 -15.71
C HIS A 116 -16.66 20.39 -16.70
N GLN A 117 -16.34 21.21 -17.70
CA GLN A 117 -17.35 21.67 -18.65
C GLN A 117 -17.77 20.56 -19.60
N LYS A 118 -16.81 19.79 -20.07
CA LYS A 118 -17.07 18.80 -21.11
C LYS A 118 -17.54 17.47 -20.53
N TYR A 119 -17.13 17.17 -19.32
CA TYR A 119 -17.31 15.82 -18.81
C TYR A 119 -17.87 15.80 -17.40
N GLY A 120 -17.98 16.98 -16.81
CA GLY A 120 -18.47 17.07 -15.45
C GLY A 120 -17.38 16.72 -14.46
N LYS A 121 -17.79 16.26 -13.28
CA LYS A 121 -16.85 15.98 -12.22
C LYS A 121 -16.05 14.74 -12.51
N ILE A 122 -14.83 14.69 -11.98
CA ILE A 122 -13.97 13.51 -12.09
C ILE A 122 -13.79 12.91 -10.69
N ASN A 123 -13.06 11.80 -10.60
CA ASN A 123 -12.85 11.22 -9.28
C ASN A 123 -11.50 10.55 -9.04
N MET A 124 -10.56 10.78 -9.94
CA MET A 124 -9.21 10.25 -9.82
C MET A 124 -8.25 11.24 -10.45
N LEU A 125 -7.22 11.60 -9.71
CA LEU A 125 -6.26 12.59 -10.16
C LEU A 125 -4.91 11.96 -10.04
N VAL A 126 -4.06 12.13 -11.05
CA VAL A 126 -2.69 11.65 -11.00
C VAL A 126 -1.78 12.81 -11.31
N HIS A 127 -0.86 13.08 -10.39
CA HIS A 127 0.20 14.04 -10.60
C HIS A 127 1.44 13.22 -10.97
N SER A 128 1.84 13.28 -12.23
CA SER A 128 2.95 12.49 -12.68
C SER A 128 3.93 13.34 -13.46
N LEU A 129 4.37 14.43 -12.87
CA LEU A 129 5.27 15.30 -13.57
C LEU A 129 6.42 15.79 -12.69
N ALA A 130 7.64 15.74 -13.24
CA ALA A 130 8.82 16.22 -12.56
C ALA A 130 9.72 16.95 -13.56
N ASN A 131 10.23 18.11 -13.15
CA ASN A 131 11.22 18.82 -13.96
C ASN A 131 12.05 19.83 -13.18
N ALA A 132 13.36 19.63 -13.23
CA ALA A 132 14.31 20.61 -12.75
C ALA A 132 15.25 20.98 -13.90
N LYS A 133 15.39 22.28 -14.16
CA LYS A 133 16.25 22.77 -15.22
C LYS A 133 17.75 22.52 -15.02
N GLU A 134 18.15 22.19 -13.78
CA GLU A 134 19.56 21.91 -13.48
C GLU A 134 19.77 20.52 -12.87
N VAL A 135 18.95 19.56 -13.29
CA VAL A 135 18.91 18.22 -12.72
C VAL A 135 20.24 17.46 -12.77
N GLN A 136 21.22 17.99 -13.50
CA GLN A 136 22.46 17.25 -13.67
C GLN A 136 23.64 17.85 -12.89
N LYS A 137 23.35 18.83 -12.06
CA LYS A 137 24.39 19.40 -11.21
C LYS A 137 24.12 19.00 -9.76
N ASP A 138 25.17 19.06 -8.93
CA ASP A 138 25.03 18.83 -7.51
C ASP A 138 24.06 19.84 -6.92
N LEU A 139 23.35 19.41 -5.88
CA LEU A 139 22.57 20.32 -5.07
C LEU A 139 23.46 21.50 -4.72
N LEU A 140 24.70 21.21 -4.36
CA LEU A 140 25.63 22.26 -3.95
C LEU A 140 25.94 23.25 -5.06
N ASN A 141 25.85 22.81 -6.31
CA ASN A 141 26.11 23.70 -7.43
C ASN A 141 24.86 24.17 -8.15
N THR A 142 23.71 23.89 -7.55
CA THR A 142 22.43 24.31 -8.10
C THR A 142 22.10 25.75 -7.73
N SER A 143 21.62 26.51 -8.72
CA SER A 143 21.29 27.91 -8.49
C SER A 143 19.92 28.11 -7.85
N ARG A 144 19.72 29.29 -7.27
CA ARG A 144 18.47 29.59 -6.61
C ARG A 144 17.34 29.46 -7.62
N LYS A 145 17.57 30.00 -8.81
CA LYS A 145 16.58 29.95 -9.88
C LYS A 145 16.26 28.51 -10.25
N GLY A 146 17.30 27.68 -10.30
CA GLY A 146 17.14 26.29 -10.67
C GLY A 146 16.40 25.48 -9.63
N TYR A 147 16.86 25.54 -8.38
CA TYR A 147 16.20 24.95 -7.24
C TYR A 147 14.70 25.26 -7.22
N LEU A 148 14.36 26.54 -7.35
CA LEU A 148 12.97 26.95 -7.17
C LEU A 148 12.10 26.53 -8.34
N ASP A 149 12.72 26.36 -9.49
CA ASP A 149 12.02 25.86 -10.67
C ASP A 149 11.65 24.42 -10.39
N ALA A 150 12.59 23.70 -9.80
CA ALA A 150 12.39 22.34 -9.38
C ALA A 150 11.22 22.25 -8.43
N LEU A 151 11.19 23.11 -7.43
CA LEU A 151 10.15 23.03 -6.40
C LEU A 151 8.81 23.46 -6.95
N SER A 152 8.84 24.37 -7.92
CA SER A 152 7.65 24.92 -8.51
C SER A 152 6.98 23.92 -9.41
N LYS A 153 7.78 23.27 -10.24
CA LYS A 153 7.25 22.31 -11.19
C LYS A 153 6.98 20.95 -10.57
N SER A 154 7.85 20.50 -9.69
CA SER A 154 7.78 19.13 -9.19
C SER A 154 7.07 19.01 -7.86
N SER A 155 6.91 20.12 -7.15
CA SER A 155 6.35 20.06 -5.81
C SER A 155 5.12 20.91 -5.67
N TYR A 156 5.25 22.19 -5.97
CA TYR A 156 4.12 23.10 -5.79
C TYR A 156 2.98 22.75 -6.74
N SER A 157 3.36 22.27 -7.93
CA SER A 157 2.36 21.91 -8.92
C SER A 157 1.33 20.99 -8.30
N LEU A 158 1.79 20.07 -7.46
CA LEU A 158 0.90 19.14 -6.78
C LEU A 158 -0.18 19.86 -5.95
N ILE A 159 0.25 20.83 -5.14
CA ILE A 159 -0.70 21.55 -4.29
C ILE A 159 -1.71 22.26 -5.16
N SER A 160 -1.20 22.98 -6.16
CA SER A 160 -2.02 23.75 -7.09
C SER A 160 -3.08 22.91 -7.75
N LEU A 161 -2.65 21.83 -8.38
CA LEU A 161 -3.55 20.87 -8.97
C LEU A 161 -4.67 20.47 -7.98
N CYS A 162 -4.30 20.25 -6.73
CA CYS A 162 -5.32 19.92 -5.72
C CYS A 162 -6.28 21.06 -5.49
N LYS A 163 -5.73 22.27 -5.38
CA LYS A 163 -6.52 23.47 -5.09
C LYS A 163 -7.60 23.68 -6.13
N TYR A 164 -7.22 23.53 -7.40
CA TYR A 164 -8.16 23.81 -8.49
C TYR A 164 -9.06 22.64 -8.89
N PHE A 165 -8.62 21.41 -8.62
CA PHE A 165 -9.39 20.25 -9.04
C PHE A 165 -10.37 19.73 -8.00
N VAL A 166 -10.12 19.99 -6.74
CA VAL A 166 -11.02 19.54 -5.69
C VAL A 166 -12.46 19.98 -5.97
N ASN A 167 -12.63 21.17 -6.53
CA ASN A 167 -13.95 21.71 -6.84
C ASN A 167 -14.69 20.87 -7.87
N ILE A 168 -13.94 20.22 -8.75
CA ILE A 168 -14.55 19.42 -9.79
C ILE A 168 -14.44 17.92 -9.53
N MET A 169 -14.31 17.55 -8.27
CA MET A 169 -14.24 16.13 -7.91
C MET A 169 -15.37 15.67 -6.99
N LYS A 170 -15.83 14.44 -7.19
CA LYS A 170 -16.82 13.86 -6.29
C LYS A 170 -16.17 13.52 -4.93
N PRO A 171 -17.00 13.39 -3.89
CA PRO A 171 -16.39 13.03 -2.61
C PRO A 171 -15.95 11.56 -2.66
N GLN A 172 -15.01 11.22 -1.80
CA GLN A 172 -14.36 9.91 -1.84
C GLN A 172 -13.48 9.81 -3.08
N SER A 173 -13.13 10.95 -3.67
CA SER A 173 -12.14 10.96 -4.76
C SER A 173 -10.77 10.61 -4.24
N SER A 174 -9.85 10.34 -5.15
CA SER A 174 -8.52 9.89 -4.78
C SER A 174 -7.44 10.46 -5.69
N ILE A 175 -6.30 10.81 -5.08
CA ILE A 175 -5.19 11.44 -5.78
C ILE A 175 -3.86 10.70 -5.55
N ILE A 176 -2.97 10.72 -6.55
CA ILE A 176 -1.59 10.25 -6.35
C ILE A 176 -0.56 11.05 -7.12
N SER A 177 0.66 11.01 -6.62
CA SER A 177 1.81 11.56 -7.33
C SER A 177 2.92 10.52 -7.32
N LEU A 178 3.98 10.77 -8.08
CA LEU A 178 5.12 9.85 -8.10
C LEU A 178 6.30 10.49 -7.40
N THR A 179 6.99 9.73 -6.58
CA THR A 179 8.13 10.25 -5.85
C THR A 179 9.30 9.27 -5.98
N TYR A 180 10.48 9.69 -5.53
CA TYR A 180 11.65 8.84 -5.60
C TYR A 180 12.44 8.91 -4.28
N HIS A 181 13.04 7.79 -3.91
CA HIS A 181 13.68 7.57 -2.61
C HIS A 181 14.86 8.50 -2.32
N ALA A 182 15.25 9.30 -3.31
CA ALA A 182 16.36 10.23 -3.16
C ALA A 182 16.04 11.28 -2.11
N SER A 183 14.77 11.37 -1.76
CA SER A 183 14.28 12.34 -0.80
C SER A 183 14.65 11.94 0.63
N GLN A 184 14.81 10.65 0.86
CA GLN A 184 15.02 10.15 2.20
C GLN A 184 16.47 9.72 2.40
N LYS A 185 17.15 9.35 1.32
CA LYS A 185 18.50 8.82 1.41
C LYS A 185 19.25 9.25 0.21
N VAL A 186 20.56 9.45 0.39
CA VAL A 186 21.41 10.06 -0.64
C VAL A 186 21.64 9.20 -1.89
N VAL A 187 21.25 9.78 -3.02
CA VAL A 187 21.51 9.22 -4.34
C VAL A 187 22.36 10.23 -5.10
N PRO A 188 23.69 10.09 -5.05
CA PRO A 188 24.46 11.05 -5.86
C PRO A 188 24.10 10.87 -7.34
N GLY A 189 23.81 11.97 -8.03
CA GLY A 189 23.38 11.91 -9.41
C GLY A 189 22.02 12.56 -9.63
N TYR A 190 21.16 12.46 -8.63
CA TYR A 190 19.82 13.05 -8.68
C TYR A 190 19.86 14.48 -8.19
N GLY A 191 20.45 15.37 -8.99
CA GLY A 191 20.72 16.72 -8.56
C GLY A 191 19.67 17.73 -8.96
N GLY A 192 20.05 18.99 -8.95
CA GLY A 192 19.16 20.07 -9.34
C GLY A 192 18.08 20.43 -8.33
N GLY A 193 18.03 19.71 -7.22
CA GLY A 193 16.99 19.94 -6.25
C GLY A 193 15.81 19.04 -6.49
N MET A 194 16.00 18.05 -7.36
CA MET A 194 14.99 17.02 -7.53
C MET A 194 14.78 16.27 -6.22
N SER A 195 15.87 16.06 -5.48
CA SER A 195 15.76 15.44 -4.17
C SER A 195 14.97 16.33 -3.22
N SER A 196 15.24 17.64 -3.26
CA SER A 196 14.58 18.58 -2.37
C SER A 196 13.10 18.63 -2.74
N ALA A 197 12.85 18.51 -4.04
CA ALA A 197 11.51 18.51 -4.58
C ALA A 197 10.69 17.35 -4.02
N LYS A 198 11.24 16.15 -4.12
CA LYS A 198 10.57 14.95 -3.65
C LYS A 198 10.43 14.95 -2.13
N ALA A 199 11.42 15.51 -1.46
CA ALA A 199 11.33 15.65 -0.02
C ALA A 199 10.05 16.42 0.32
N ALA A 200 9.87 17.57 -0.34
CA ALA A 200 8.71 18.43 -0.10
C ALA A 200 7.42 17.79 -0.59
N LEU A 201 7.47 17.16 -1.75
CA LEU A 201 6.31 16.43 -2.26
C LEU A 201 5.82 15.41 -1.25
N GLU A 202 6.74 14.64 -0.67
CA GLU A 202 6.31 13.62 0.28
C GLU A 202 5.71 14.20 1.57
N SER A 203 6.33 15.25 2.08
CA SER A 203 5.82 15.96 3.24
C SER A 203 4.48 16.62 2.94
N ASP A 204 4.36 17.21 1.74
CA ASP A 204 3.13 17.89 1.34
C ASP A 204 2.00 16.90 1.18
N THR A 205 2.32 15.69 0.77
CA THR A 205 1.34 14.62 0.68
C THR A 205 0.68 14.33 2.02
N ARG A 206 1.47 14.34 3.08
CA ARG A 206 0.92 14.20 4.41
C ARG A 206 0.00 15.37 4.77
N VAL A 207 0.46 16.59 4.51
CA VAL A 207 -0.30 17.74 4.93
C VAL A 207 -1.61 17.87 4.15
N LEU A 208 -1.53 17.67 2.84
CA LEU A 208 -2.71 17.67 1.99
C LEU A 208 -3.68 16.56 2.37
N ALA A 209 -3.14 15.43 2.81
CA ALA A 209 -3.95 14.31 3.27
C ALA A 209 -4.83 14.70 4.46
N TYR A 210 -4.30 15.53 5.35
CA TYR A 210 -5.08 15.97 6.49
C TYR A 210 -6.19 16.95 6.05
N HIS A 211 -5.82 18.01 5.34
CA HIS A 211 -6.78 18.98 4.83
C HIS A 211 -7.86 18.39 3.90
N LEU A 212 -7.46 17.74 2.82
CA LEU A 212 -8.43 17.17 1.90
C LEU A 212 -9.26 16.07 2.55
N GLY A 213 -8.65 15.36 3.50
CA GLY A 213 -9.33 14.26 4.16
C GLY A 213 -10.46 14.78 5.03
N ARG A 214 -10.11 15.65 5.97
CA ARG A 214 -11.10 16.27 6.86
C ARG A 214 -12.11 17.15 6.12
N ASN A 215 -11.62 17.96 5.18
CA ASN A 215 -12.48 18.92 4.49
C ASN A 215 -13.31 18.37 3.33
N TYR A 216 -12.79 17.42 2.55
CA TYR A 216 -13.58 16.90 1.44
C TYR A 216 -13.70 15.38 1.39
N ASN A 217 -13.26 14.70 2.44
CA ASN A 217 -13.14 13.24 2.42
C ASN A 217 -12.47 12.80 1.11
N ILE A 218 -11.36 13.43 0.80
CA ILE A 218 -10.62 13.04 -0.37
C ILE A 218 -9.27 12.50 0.09
N ARG A 219 -8.81 11.43 -0.55
CA ARG A 219 -7.56 10.82 -0.16
C ARG A 219 -6.45 11.25 -1.11
N ILE A 220 -5.22 11.18 -0.62
CA ILE A 220 -4.06 11.52 -1.43
C ILE A 220 -2.80 10.74 -0.98
N ASN A 221 -2.13 10.07 -1.90
CA ASN A 221 -0.95 9.29 -1.58
C ASN A 221 0.11 9.51 -2.63
N THR A 222 1.30 8.97 -2.41
CA THR A 222 2.37 9.07 -3.39
C THR A 222 3.06 7.72 -3.57
N ILE A 223 3.40 7.38 -4.80
CA ILE A 223 4.11 6.13 -5.05
C ILE A 223 5.60 6.38 -5.24
N SER A 224 6.40 5.80 -4.36
CA SER A 224 7.84 5.93 -4.51
C SER A 224 8.34 4.83 -5.42
N ALA A 225 8.53 5.17 -6.70
CA ALA A 225 8.81 4.15 -7.71
C ALA A 225 10.29 3.92 -7.92
N GLY A 226 10.64 2.73 -8.41
CA GLY A 226 12.01 2.46 -8.77
C GLY A 226 12.28 2.95 -10.17
N PRO A 227 13.54 2.88 -10.62
CA PRO A 227 13.94 3.41 -11.93
C PRO A 227 13.24 2.69 -13.06
N LEU A 228 12.93 3.43 -14.12
CA LEU A 228 12.21 2.83 -15.24
C LEU A 228 13.02 2.90 -16.53
N LYS A 229 13.05 4.08 -17.15
CA LYS A 229 13.63 4.26 -18.47
C LYS A 229 13.13 5.54 -19.12
N SER A 230 11.89 5.48 -19.62
CA SER A 230 11.22 6.64 -20.23
C SER A 230 12.16 7.64 -20.93
N THR A 280 22.29 7.35 -18.87
CA THR A 280 22.98 8.11 -17.82
C THR A 280 22.59 7.58 -16.44
N PHE A 281 22.11 8.49 -15.60
CA PHE A 281 21.74 8.18 -14.22
C PHE A 281 20.82 6.98 -14.10
N ILE A 282 19.80 6.92 -14.96
CA ILE A 282 18.82 5.84 -14.91
C ILE A 282 19.45 4.50 -15.27
N ASP A 283 20.43 4.52 -16.16
CA ASP A 283 21.04 3.28 -16.62
C ASP A 283 21.81 2.57 -15.52
N TYR A 284 22.42 3.35 -14.63
CA TYR A 284 23.09 2.78 -13.48
C TYR A 284 22.05 2.29 -12.49
N ALA A 285 21.11 3.17 -12.16
CA ALA A 285 20.09 2.90 -11.16
C ALA A 285 19.38 1.57 -11.40
N ILE A 286 19.11 1.29 -12.66
CA ILE A 286 18.40 0.08 -13.05
C ILE A 286 19.25 -1.19 -12.87
N GLU A 287 20.49 -1.13 -13.33
CA GLU A 287 21.41 -2.25 -13.18
C GLU A 287 21.61 -2.58 -11.69
N TYR A 288 21.86 -1.53 -10.91
CA TYR A 288 22.03 -1.68 -9.48
C TYR A 288 20.78 -2.28 -8.88
N SER A 289 19.63 -1.79 -9.32
CA SER A 289 18.37 -2.25 -8.77
C SER A 289 18.16 -3.73 -9.05
N GLU A 290 18.25 -4.11 -10.31
CA GLU A 290 17.99 -5.49 -10.70
C GLU A 290 19.05 -6.45 -10.15
N LYS A 291 20.18 -5.89 -9.73
CA LYS A 291 21.24 -6.66 -9.08
C LYS A 291 20.94 -6.92 -7.61
N TYR A 292 20.56 -5.86 -6.89
CA TYR A 292 20.51 -5.89 -5.43
C TYR A 292 19.11 -5.90 -4.80
N ALA A 293 18.10 -5.48 -5.54
CA ALA A 293 16.73 -5.52 -5.05
C ALA A 293 16.35 -6.93 -4.56
N PRO A 294 15.56 -7.00 -3.48
CA PRO A 294 15.02 -8.27 -2.98
C PRO A 294 14.37 -9.08 -4.08
N LEU A 295 13.78 -8.41 -5.06
CA LEU A 295 13.06 -9.08 -6.13
C LEU A 295 13.80 -8.98 -7.45
N ARG A 296 14.04 -10.12 -8.07
CA ARG A 296 14.90 -10.18 -9.26
C ARG A 296 14.24 -9.71 -10.55
N GLN A 297 12.91 -9.68 -10.56
CA GLN A 297 12.16 -9.33 -11.77
C GLN A 297 12.45 -7.92 -12.27
N LYS A 298 12.22 -7.69 -13.56
CA LYS A 298 12.34 -6.35 -14.14
C LYS A 298 11.13 -5.56 -13.71
N LEU A 299 11.34 -4.31 -13.30
CA LEU A 299 10.25 -3.47 -12.82
C LEU A 299 9.62 -2.76 -13.99
N LEU A 300 8.30 -2.90 -14.11
CA LEU A 300 7.56 -2.40 -15.27
C LEU A 300 6.74 -1.18 -14.91
N SER A 301 6.45 -0.34 -15.89
CA SER A 301 5.64 0.84 -15.63
C SER A 301 4.23 0.39 -15.20
N THR A 302 3.85 -0.82 -15.55
CA THR A 302 2.53 -1.29 -15.19
C THR A 302 2.54 -1.85 -13.76
N ASP A 303 3.74 -2.05 -13.23
CA ASP A 303 3.89 -2.46 -11.84
C ASP A 303 3.49 -1.31 -10.95
N ILE A 304 3.93 -0.11 -11.35
CA ILE A 304 3.53 1.10 -10.66
C ILE A 304 2.05 1.41 -10.97
N GLY A 305 1.65 1.15 -12.20
CA GLY A 305 0.28 1.40 -12.62
C GLY A 305 -0.77 0.57 -11.90
N SER A 306 -0.49 -0.70 -11.67
CA SER A 306 -1.43 -1.56 -10.97
C SER A 306 -1.57 -1.15 -9.51
N VAL A 307 -0.47 -0.71 -8.90
CA VAL A 307 -0.52 -0.17 -7.55
C VAL A 307 -1.31 1.14 -7.53
N ALA A 308 -1.05 1.98 -8.53
CA ALA A 308 -1.74 3.26 -8.63
C ALA A 308 -3.24 3.03 -8.72
N SER A 309 -3.62 2.13 -9.62
CA SER A 309 -5.01 1.78 -9.78
C SER A 309 -5.64 1.43 -8.46
N PHE A 310 -4.94 0.61 -7.68
CA PHE A 310 -5.46 0.19 -6.39
C PHE A 310 -5.63 1.37 -5.46
N LEU A 311 -4.56 2.14 -5.29
CA LEU A 311 -4.58 3.34 -4.45
C LEU A 311 -5.67 4.34 -4.84
N LEU A 312 -6.03 4.35 -6.13
CA LEU A 312 -7.01 5.29 -6.64
C LEU A 312 -8.43 4.76 -6.52
N SER A 313 -8.60 3.62 -5.87
CA SER A 313 -9.91 3.00 -5.80
C SER A 313 -10.41 2.95 -4.38
N ARG A 314 -11.66 2.52 -4.22
CA ARG A 314 -12.26 2.42 -2.91
C ARG A 314 -11.65 1.29 -2.09
N GLU A 315 -10.99 0.34 -2.75
CA GLU A 315 -10.36 -0.77 -2.04
C GLU A 315 -9.29 -0.28 -1.09
N SER A 316 -8.93 0.99 -1.21
CA SER A 316 -7.92 1.56 -0.36
C SER A 316 -8.46 2.77 0.37
N ARG A 317 -9.77 2.79 0.57
CA ARG A 317 -10.45 3.88 1.28
C ARG A 317 -9.79 4.29 2.60
N ALA A 318 -9.13 3.37 3.29
CA ALA A 318 -8.58 3.68 4.62
C ALA A 318 -7.09 4.03 4.62
N ILE A 319 -6.50 4.17 3.43
CA ILE A 319 -5.11 4.59 3.29
C ILE A 319 -5.01 6.03 2.82
N THR A 320 -4.31 6.88 3.56
CA THR A 320 -4.08 8.23 3.05
C THR A 320 -2.83 8.95 3.62
N GLY A 321 -2.25 9.81 2.81
CA GLY A 321 -1.07 10.57 3.22
C GLY A 321 0.19 9.75 3.22
N GLN A 322 0.14 8.56 2.61
CA GLN A 322 1.24 7.60 2.66
C GLN A 322 2.17 7.67 1.47
N THR A 323 3.42 7.25 1.70
CA THR A 323 4.38 6.98 0.64
C THR A 323 4.54 5.47 0.44
N ILE A 324 4.05 4.99 -0.69
CA ILE A 324 4.05 3.55 -0.96
C ILE A 324 5.22 3.19 -1.87
N TYR A 325 6.10 2.31 -1.40
CA TYR A 325 7.23 1.97 -2.23
C TYR A 325 6.90 0.83 -3.18
N VAL A 326 7.10 1.10 -4.47
CA VAL A 326 6.92 0.11 -5.49
C VAL A 326 8.22 0.05 -6.26
N ASP A 327 9.14 -0.75 -5.77
CA ASP A 327 10.52 -0.66 -6.21
C ASP A 327 11.24 -1.99 -6.02
N ASN A 328 10.47 -3.07 -6.01
CA ASN A 328 10.98 -4.43 -5.81
C ASN A 328 11.68 -4.61 -4.48
N GLY A 329 11.45 -3.67 -3.58
CA GLY A 329 11.99 -3.75 -2.24
C GLY A 329 13.38 -3.16 -2.06
N LEU A 330 13.86 -2.44 -3.07
CA LEU A 330 15.21 -1.84 -3.00
C LEU A 330 15.42 -1.03 -1.72
N ASN A 331 14.38 -0.31 -1.29
CA ASN A 331 14.49 0.65 -0.18
C ASN A 331 14.84 0.07 1.19
N ILE A 332 14.62 -1.22 1.38
CA ILE A 332 14.82 -1.86 2.67
C ILE A 332 16.28 -2.27 2.88
N MET A 333 17.09 -2.20 1.82
CA MET A 333 18.45 -2.70 1.84
C MET A 333 19.41 -1.67 2.42
N PHE A 334 20.31 -2.08 3.30
CA PHE A 334 21.29 -1.14 3.76
C PHE A 334 22.52 -1.24 2.87
N LEU A 335 23.36 -2.20 3.17
CA LEU A 335 24.55 -2.40 2.36
C LEU A 335 24.34 -3.64 1.51
N PRO A 336 24.94 -3.65 0.31
CA PRO A 336 25.02 -4.75 -0.67
C PRO A 336 25.49 -6.08 -0.10
N ASP A 337 26.18 -6.87 -0.92
CA ASP A 337 26.54 -8.24 -0.52
C ASP A 337 27.39 -8.97 -1.57
N ASP B 11 -5.95 -20.44 -6.12
CA ASP B 11 -5.63 -19.45 -5.10
C ASP B 11 -6.07 -19.94 -3.73
N ILE B 12 -5.10 -20.40 -2.94
CA ILE B 12 -5.36 -20.87 -1.60
C ILE B 12 -4.68 -19.96 -0.59
N CYS B 13 -5.40 -19.63 0.48
CA CYS B 13 -4.82 -18.85 1.56
C CYS B 13 -5.00 -19.48 2.95
N PHE B 14 -3.90 -19.67 3.66
CA PHE B 14 -3.99 -20.03 5.07
C PHE B 14 -3.95 -18.79 5.95
N ILE B 15 -5.05 -18.56 6.65
CA ILE B 15 -5.12 -17.51 7.65
C ILE B 15 -4.83 -18.08 9.04
N ALA B 16 -3.67 -17.73 9.60
CA ALA B 16 -3.30 -18.17 10.94
C ALA B 16 -3.73 -17.16 12.02
N GLY B 17 -4.75 -17.50 12.79
CA GLY B 17 -5.15 -16.63 13.89
C GLY B 17 -6.47 -15.95 13.68
N ILE B 18 -7.55 -16.73 13.73
CA ILE B 18 -8.88 -16.17 13.76
C ILE B 18 -9.67 -16.92 14.81
N GLY B 19 -10.15 -16.21 15.82
CA GLY B 19 -10.86 -16.83 16.92
C GLY B 19 -12.35 -16.58 16.83
N ASP B 20 -12.74 -15.57 16.06
CA ASP B 20 -14.14 -15.25 15.87
C ASP B 20 -14.32 -14.36 14.66
N THR B 21 -15.42 -13.61 14.65
CA THR B 21 -15.82 -12.84 13.49
C THR B 21 -15.53 -11.35 13.66
N ASN B 22 -14.98 -11.01 14.81
CA ASN B 22 -14.81 -9.61 15.18
C ASN B 22 -13.39 -9.10 14.96
N GLY B 23 -12.54 -9.94 14.38
CA GLY B 23 -11.15 -9.61 14.22
C GLY B 23 -10.79 -9.20 12.81
N TYR B 24 -9.48 -9.01 12.60
CA TYR B 24 -8.97 -8.66 11.29
C TYR B 24 -8.87 -9.90 10.44
N GLY B 25 -8.62 -11.03 11.07
CA GLY B 25 -8.63 -12.29 10.35
C GLY B 25 -9.93 -12.55 9.61
N TRP B 26 -11.06 -12.30 10.26
CA TRP B 26 -12.34 -12.54 9.63
C TRP B 26 -12.54 -11.61 8.44
N GLY B 27 -12.34 -10.32 8.68
CA GLY B 27 -12.43 -9.31 7.62
C GLY B 27 -11.54 -9.61 6.43
N ILE B 28 -10.32 -10.06 6.69
CA ILE B 28 -9.45 -10.48 5.61
C ILE B 28 -10.08 -11.67 4.88
N ALA B 29 -10.53 -12.68 5.62
CA ALA B 29 -11.20 -13.81 5.01
C ALA B 29 -12.29 -13.34 4.03
N LYS B 30 -13.18 -12.49 4.54
CA LYS B 30 -14.31 -12.00 3.76
C LYS B 30 -13.89 -11.42 2.40
N GLU B 31 -12.88 -10.55 2.42
CA GLU B 31 -12.44 -9.88 1.20
C GLU B 31 -11.69 -10.80 0.24
N LEU B 32 -10.94 -11.74 0.78
CA LEU B 32 -10.29 -12.75 -0.06
C LEU B 32 -11.30 -13.60 -0.82
N SER B 33 -12.46 -13.81 -0.20
CA SER B 33 -13.60 -14.48 -0.82
C SER B 33 -14.21 -13.68 -1.97
N LYS B 34 -14.45 -12.39 -1.76
CA LYS B 34 -14.96 -11.53 -2.84
C LYS B 34 -14.18 -11.79 -4.12
N ARG B 35 -12.94 -12.22 -3.97
CA ARG B 35 -12.04 -12.42 -5.09
C ARG B 35 -11.87 -13.92 -5.36
N ASN B 36 -12.78 -14.68 -4.78
CA ASN B 36 -12.85 -16.13 -4.99
C ASN B 36 -11.57 -16.90 -4.65
N VAL B 37 -10.94 -16.59 -3.53
CA VAL B 37 -9.81 -17.42 -3.13
C VAL B 37 -10.26 -18.36 -2.03
N LYS B 38 -9.69 -19.56 -1.99
CA LYS B 38 -10.05 -20.58 -1.01
C LYS B 38 -9.36 -20.33 0.32
N ILE B 39 -10.12 -20.42 1.40
CA ILE B 39 -9.62 -20.03 2.72
C ILE B 39 -9.52 -21.17 3.74
N ILE B 40 -8.33 -21.35 4.30
CA ILE B 40 -8.15 -22.28 5.39
C ILE B 40 -7.89 -21.53 6.69
N PHE B 41 -8.82 -21.60 7.64
CA PHE B 41 -8.61 -21.03 8.96
C PHE B 41 -7.71 -21.89 9.85
N GLY B 42 -6.67 -21.29 10.42
CA GLY B 42 -5.93 -21.94 11.48
C GLY B 42 -6.39 -21.35 12.81
N ILE B 43 -6.79 -22.20 13.75
CA ILE B 43 -7.42 -21.72 14.98
C ILE B 43 -6.81 -22.27 16.27
N TRP B 44 -6.63 -21.36 17.24
CA TRP B 44 -6.07 -21.68 18.55
C TRP B 44 -7.00 -22.61 19.30
N PRO B 45 -6.48 -23.74 19.83
CA PRO B 45 -7.28 -24.79 20.47
C PRO B 45 -8.10 -24.34 21.68
N PRO B 46 -7.60 -23.38 22.47
CA PRO B 46 -8.47 -22.92 23.55
C PRO B 46 -9.86 -22.46 23.09
N VAL B 47 -9.99 -22.02 21.83
CA VAL B 47 -11.24 -21.46 21.32
C VAL B 47 -11.77 -22.22 20.11
N TYR B 48 -11.15 -23.35 19.81
CA TYR B 48 -11.43 -24.08 18.60
C TYR B 48 -12.80 -24.77 18.60
N ASN B 49 -13.05 -25.60 19.61
CA ASN B 49 -14.33 -26.28 19.78
C ASN B 49 -15.51 -25.32 19.66
N ILE B 50 -15.39 -24.18 20.33
CA ILE B 50 -16.50 -23.25 20.45
C ILE B 50 -16.69 -22.45 19.18
N PHE B 51 -15.65 -22.36 18.38
CA PHE B 51 -15.73 -21.63 17.12
C PHE B 51 -16.44 -22.53 16.15
N MET B 52 -16.02 -23.79 16.13
CA MET B 52 -16.64 -24.80 15.30
C MET B 52 -18.12 -24.90 15.61
N LYS B 53 -18.45 -25.06 16.88
CA LYS B 53 -19.83 -25.10 17.34
C LYS B 53 -20.66 -23.96 16.75
N ASN B 54 -20.20 -22.73 16.96
CA ASN B 54 -20.88 -21.55 16.44
C ASN B 54 -21.07 -21.59 14.93
N TYR B 55 -20.10 -22.15 14.24
CA TYR B 55 -20.15 -22.27 12.80
C TYR B 55 -21.29 -23.21 12.42
N LYS B 56 -21.29 -24.38 13.08
CA LYS B 56 -22.30 -25.42 12.89
C LYS B 56 -23.70 -24.90 13.20
N ASN B 57 -23.83 -24.17 14.31
CA ASN B 57 -25.10 -23.55 14.67
C ASN B 57 -25.44 -22.39 13.76
N GLY B 58 -24.70 -22.25 12.66
CA GLY B 58 -24.93 -21.17 11.72
C GLY B 58 -24.92 -19.79 12.35
N LYS B 59 -24.27 -19.67 13.50
CA LYS B 59 -24.18 -18.38 14.17
C LYS B 59 -23.46 -17.34 13.31
N PHE B 60 -22.36 -17.76 12.68
CA PHE B 60 -21.58 -16.87 11.83
C PHE B 60 -22.21 -16.68 10.44
N ASP B 61 -23.43 -17.17 10.26
CA ASP B 61 -24.05 -17.18 8.94
C ASP B 61 -24.36 -15.77 8.40
N ASN B 62 -24.77 -14.88 9.29
CA ASN B 62 -24.94 -13.47 8.93
C ASN B 62 -23.63 -12.88 8.43
N ASP B 63 -22.56 -13.20 9.15
CA ASP B 63 -21.26 -12.60 8.91
C ASP B 63 -20.59 -13.13 7.66
N MET B 64 -21.00 -14.32 7.22
CA MET B 64 -20.44 -14.93 6.02
C MET B 64 -21.06 -14.33 4.77
N ILE B 65 -21.82 -13.26 4.96
CA ILE B 65 -22.46 -12.55 3.88
C ILE B 65 -21.50 -11.54 3.28
N ILE B 66 -21.47 -11.45 1.96
CA ILE B 66 -20.56 -10.52 1.30
C ILE B 66 -21.30 -9.47 0.45
N ASP B 69 -24.31 -10.28 -2.57
CA ASP B 69 -24.99 -11.54 -2.87
C ASP B 69 -23.99 -12.70 -2.91
N LYS B 70 -22.87 -12.52 -2.23
CA LYS B 70 -21.83 -13.53 -2.17
C LYS B 70 -21.84 -14.26 -0.82
N LYS B 71 -21.38 -15.50 -0.83
CA LYS B 71 -21.21 -16.26 0.39
C LYS B 71 -19.74 -16.61 0.55
N MET B 72 -19.26 -16.59 1.79
CA MET B 72 -17.87 -16.92 2.08
C MET B 72 -17.54 -18.37 1.75
N ASN B 73 -16.35 -18.60 1.19
CA ASN B 73 -15.78 -19.93 1.17
C ASN B 73 -15.04 -20.19 2.46
N ILE B 74 -15.12 -21.41 2.95
CA ILE B 74 -14.24 -21.85 4.03
C ILE B 74 -13.84 -23.28 3.72
N LEU B 75 -12.69 -23.41 3.07
CA LEU B 75 -12.17 -24.69 2.64
C LEU B 75 -11.98 -25.64 3.83
N ASP B 76 -11.26 -25.18 4.85
CA ASP B 76 -10.95 -26.01 6.00
C ASP B 76 -10.81 -25.16 7.26
N MET B 77 -10.91 -25.80 8.42
CA MET B 77 -10.77 -25.12 9.70
C MET B 77 -9.94 -26.01 10.64
N LEU B 78 -8.66 -25.67 10.80
CA LEU B 78 -7.72 -26.53 11.50
C LEU B 78 -7.35 -25.99 12.88
N PRO B 79 -7.05 -26.89 13.82
CA PRO B 79 -6.47 -26.45 15.10
C PRO B 79 -5.06 -25.97 14.80
N PHE B 80 -4.59 -24.95 15.50
CA PHE B 80 -3.30 -24.37 15.18
C PHE B 80 -2.76 -23.58 16.36
N ASP B 81 -1.54 -23.91 16.77
CA ASP B 81 -0.91 -23.20 17.87
C ASP B 81 0.47 -22.69 17.51
N ALA B 82 0.58 -21.38 17.35
CA ALA B 82 1.77 -20.75 16.80
C ALA B 82 2.95 -20.69 17.76
N SER B 83 2.79 -21.30 18.92
CA SER B 83 3.87 -21.33 19.89
C SER B 83 4.65 -22.62 19.78
N PHE B 84 4.16 -23.53 18.92
CA PHE B 84 4.85 -24.80 18.71
C PHE B 84 5.31 -24.92 17.28
N ASP B 85 6.60 -25.15 17.09
CA ASP B 85 7.14 -25.29 15.74
C ASP B 85 6.95 -26.70 15.21
N THR B 86 7.29 -27.68 16.04
CA THR B 86 7.10 -29.08 15.70
C THR B 86 6.45 -29.81 16.89
N ALA B 87 6.04 -31.04 16.68
CA ALA B 87 5.45 -31.85 17.75
C ALA B 87 6.39 -32.06 18.94
N ASN B 88 7.70 -32.01 18.69
CA ASN B 88 8.65 -32.19 19.77
C ASN B 88 8.61 -31.00 20.72
N ASP B 89 8.13 -29.87 20.24
CA ASP B 89 8.04 -28.66 21.05
C ASP B 89 6.85 -28.67 21.99
N ILE B 90 5.88 -29.57 21.78
CA ILE B 90 4.73 -29.55 22.65
C ILE B 90 5.09 -30.16 24.00
N ASP B 91 4.99 -29.34 25.03
CA ASP B 91 5.20 -29.79 26.40
C ASP B 91 4.10 -30.76 26.81
N GLU B 92 4.41 -31.62 27.77
CA GLU B 92 3.49 -32.66 28.16
C GLU B 92 2.21 -32.10 28.78
N GLU B 93 2.34 -31.06 29.60
CA GLU B 93 1.16 -30.48 30.22
C GLU B 93 0.14 -30.08 29.15
N THR B 94 0.57 -29.22 28.22
CA THR B 94 -0.26 -28.84 27.08
C THR B 94 -0.78 -30.05 26.31
N LYS B 95 0.12 -31.00 26.04
CA LYS B 95 -0.24 -32.17 25.25
C LYS B 95 -1.44 -32.89 25.89
N ASN B 96 -1.58 -32.72 27.19
CA ASN B 96 -2.62 -33.43 27.94
C ASN B 96 -3.73 -32.52 28.42
N ASN B 97 -3.55 -31.21 28.31
CA ASN B 97 -4.58 -30.26 28.71
C ASN B 97 -5.95 -30.65 28.18
N LYS B 98 -6.97 -30.39 29.00
CA LYS B 98 -8.37 -30.65 28.68
C LYS B 98 -8.73 -30.27 27.24
N ARG B 99 -8.13 -29.19 26.75
CA ARG B 99 -8.58 -28.57 25.52
C ARG B 99 -7.73 -28.94 24.30
N TYR B 100 -6.63 -29.67 24.51
CA TYR B 100 -5.71 -30.02 23.43
C TYR B 100 -5.64 -31.50 23.12
N ASN B 101 -5.83 -32.33 24.13
CA ASN B 101 -5.54 -33.76 23.98
C ASN B 101 -6.42 -34.53 23.00
N MET B 102 -7.55 -33.96 22.61
CA MET B 102 -8.39 -34.57 21.60
C MET B 102 -8.01 -34.10 20.19
N LEU B 103 -7.09 -33.13 20.12
CA LEU B 103 -6.70 -32.50 18.85
C LEU B 103 -5.33 -32.95 18.37
N GLN B 104 -5.06 -32.78 17.07
CA GLN B 104 -3.82 -33.27 16.48
C GLN B 104 -3.19 -32.28 15.49
N ASN B 105 -1.95 -32.58 15.09
CA ASN B 105 -1.26 -31.83 14.05
C ASN B 105 -1.51 -30.33 14.05
N TYR B 106 -1.27 -29.71 15.20
CA TYR B 106 -1.57 -28.30 15.35
C TYR B 106 -0.31 -27.44 15.52
N THR B 107 0.84 -28.10 15.54
CA THR B 107 2.09 -27.35 15.50
C THR B 107 2.24 -26.71 14.13
N ILE B 108 3.24 -25.86 13.99
CA ILE B 108 3.45 -25.12 12.75
C ILE B 108 3.83 -26.08 11.63
N GLU B 109 4.83 -26.92 11.86
CA GLU B 109 5.22 -27.96 10.90
C GLU B 109 4.04 -28.85 10.54
N ASP B 110 3.25 -29.24 11.54
CA ASP B 110 2.15 -30.15 11.32
C ASP B 110 1.05 -29.60 10.43
N VAL B 111 0.60 -28.37 10.69
CA VAL B 111 -0.42 -27.80 9.80
C VAL B 111 0.15 -27.54 8.42
N ALA B 112 1.45 -27.29 8.34
CA ALA B 112 2.09 -27.12 7.05
C ALA B 112 1.97 -28.39 6.22
N ASN B 113 2.24 -29.55 6.82
CA ASN B 113 2.13 -30.83 6.14
C ASN B 113 0.69 -31.23 5.84
N LEU B 114 -0.15 -31.14 6.85
CA LEU B 114 -1.58 -31.04 6.59
C LEU B 114 -1.66 -29.82 5.68
N ILE B 115 -2.78 -29.57 5.02
CA ILE B 115 -2.81 -28.55 3.96
C ILE B 115 -2.11 -29.01 2.67
N HIS B 116 -0.84 -29.38 2.78
CA HIS B 116 -0.11 -29.83 1.60
C HIS B 116 -0.58 -31.19 1.09
N GLN B 117 -0.81 -32.13 2.00
CA GLN B 117 -1.38 -33.40 1.62
C GLN B 117 -2.76 -33.16 1.03
N LYS B 118 -3.60 -32.44 1.77
CA LYS B 118 -5.00 -32.28 1.39
C LYS B 118 -5.22 -31.37 0.19
N TYR B 119 -4.28 -30.47 -0.12
CA TYR B 119 -4.52 -29.46 -1.16
C TYR B 119 -3.28 -29.09 -1.96
N GLY B 120 -2.13 -29.66 -1.60
CA GLY B 120 -0.90 -29.34 -2.29
C GLY B 120 -0.28 -27.99 -1.90
N LYS B 121 0.29 -27.30 -2.88
CA LYS B 121 0.89 -26.00 -2.61
C LYS B 121 -0.14 -24.88 -2.60
N ILE B 122 0.10 -23.90 -1.74
CA ILE B 122 -0.80 -22.76 -1.60
C ILE B 122 0.03 -21.55 -1.93
N ASN B 123 -0.59 -20.39 -2.00
CA ASN B 123 0.18 -19.23 -2.39
C ASN B 123 -0.18 -17.96 -1.65
N MET B 124 -0.73 -18.10 -0.45
CA MET B 124 -1.11 -16.94 0.33
C MET B 124 -1.12 -17.29 1.79
N LEU B 125 -0.46 -16.45 2.57
CA LEU B 125 -0.30 -16.71 4.01
C LEU B 125 -0.59 -15.44 4.78
N VAL B 126 -1.59 -15.52 5.65
CA VAL B 126 -1.91 -14.42 6.54
C VAL B 126 -1.52 -14.76 7.98
N HIS B 127 -0.56 -14.01 8.53
CA HIS B 127 -0.24 -14.05 9.94
C HIS B 127 -1.10 -13.01 10.66
N SER B 128 -1.98 -13.46 11.53
CA SER B 128 -2.94 -12.54 12.12
C SER B 128 -3.15 -12.80 13.60
N LEU B 129 -2.05 -13.05 14.29
CA LEU B 129 -2.14 -13.47 15.67
C LEU B 129 -1.09 -12.73 16.47
N ALA B 130 -1.39 -12.53 17.75
CA ALA B 130 -0.49 -11.85 18.66
C ALA B 130 -0.87 -12.27 20.06
N ASN B 131 0.07 -12.19 21.00
CA ASN B 131 -0.25 -12.56 22.36
C ASN B 131 0.87 -12.17 23.31
N ALA B 132 0.49 -11.79 24.53
CA ALA B 132 1.44 -11.50 25.60
C ALA B 132 0.73 -11.64 26.93
N LYS B 133 1.34 -12.39 27.84
CA LYS B 133 0.68 -12.66 29.11
C LYS B 133 0.63 -11.43 30.01
N GLU B 134 1.62 -10.55 29.89
CA GLU B 134 1.70 -9.37 30.75
C GLU B 134 1.41 -8.11 29.97
N VAL B 135 0.45 -8.20 29.06
CA VAL B 135 0.10 -7.06 28.22
C VAL B 135 -0.40 -5.93 29.09
N GLN B 136 -0.93 -6.29 30.25
CA GLN B 136 -1.53 -5.31 31.14
C GLN B 136 -0.47 -4.44 31.82
N LYS B 137 0.65 -5.06 32.17
CA LYS B 137 1.78 -4.33 32.70
C LYS B 137 2.41 -3.47 31.62
N ASP B 138 3.12 -2.43 32.02
CA ASP B 138 3.85 -1.64 31.04
C ASP B 138 5.30 -2.09 31.02
N LEU B 139 6.03 -1.73 29.95
CA LEU B 139 7.41 -2.18 29.71
C LEU B 139 8.26 -2.39 30.95
N LEU B 140 8.60 -1.29 31.64
CA LEU B 140 9.43 -1.32 32.83
C LEU B 140 9.04 -2.44 33.79
N ASN B 141 7.75 -2.66 33.92
CA ASN B 141 7.23 -3.66 34.86
C ASN B 141 6.84 -5.00 34.24
N THR B 142 7.49 -5.34 33.13
CA THR B 142 7.24 -6.60 32.46
C THR B 142 8.41 -7.52 32.75
N SER B 143 8.12 -8.80 32.94
CA SER B 143 9.16 -9.75 33.30
C SER B 143 9.88 -10.29 32.06
N ARG B 144 11.02 -10.91 32.28
CA ARG B 144 11.80 -11.43 31.17
C ARG B 144 10.93 -12.47 30.48
N LYS B 145 10.33 -13.31 31.31
CA LYS B 145 9.48 -14.39 30.86
C LYS B 145 8.21 -13.87 30.15
N GLY B 146 7.79 -12.66 30.47
CA GLY B 146 6.59 -12.13 29.87
C GLY B 146 6.89 -11.47 28.55
N TYR B 147 8.04 -10.78 28.52
CA TYR B 147 8.55 -10.11 27.33
C TYR B 147 8.83 -11.17 26.25
N LEU B 148 9.58 -12.19 26.65
CA LEU B 148 9.93 -13.23 25.71
C LEU B 148 8.68 -13.97 25.26
N ASP B 149 7.62 -13.89 26.04
CA ASP B 149 6.37 -14.53 25.63
C ASP B 149 5.80 -13.78 24.45
N ALA B 150 5.69 -12.45 24.61
CA ALA B 150 5.16 -11.57 23.58
C ALA B 150 5.92 -11.77 22.28
N LEU B 151 7.24 -11.71 22.35
CA LEU B 151 8.08 -11.85 21.16
C LEU B 151 8.00 -13.22 20.50
N SER B 152 7.85 -14.26 21.33
CA SER B 152 7.74 -15.63 20.87
C SER B 152 6.44 -15.93 20.12
N LYS B 153 5.34 -15.33 20.57
CA LYS B 153 4.05 -15.61 19.96
C LYS B 153 3.63 -14.59 18.92
N SER B 154 4.21 -13.39 18.95
CA SER B 154 3.80 -12.31 18.07
C SER B 154 4.80 -12.07 16.98
N SER B 155 6.06 -12.32 17.28
CA SER B 155 7.12 -12.00 16.34
C SER B 155 7.74 -13.25 15.72
N TYR B 156 8.19 -14.16 16.56
CA TYR B 156 8.88 -15.33 16.08
C TYR B 156 7.94 -16.24 15.31
N SER B 157 6.67 -16.23 15.68
CA SER B 157 5.69 -17.11 15.08
C SER B 157 5.63 -16.82 13.60
N LEU B 158 5.82 -15.56 13.24
CA LEU B 158 5.91 -15.16 11.85
C LEU B 158 7.06 -15.85 11.17
N ILE B 159 8.27 -15.66 11.69
CA ILE B 159 9.44 -16.29 11.12
C ILE B 159 9.21 -17.78 10.90
N SER B 160 8.88 -18.49 11.98
CA SER B 160 8.63 -19.93 11.92
C SER B 160 7.57 -20.27 10.88
N LEU B 161 6.43 -19.58 10.94
CA LEU B 161 5.38 -19.73 9.97
C LEU B 161 5.96 -19.72 8.54
N CYS B 162 6.94 -18.84 8.32
CA CYS B 162 7.58 -18.72 7.03
C CYS B 162 8.44 -19.90 6.70
N LYS B 163 9.40 -20.22 7.57
CA LYS B 163 10.27 -21.39 7.42
C LYS B 163 9.49 -22.59 6.87
N TYR B 164 8.38 -22.93 7.53
CA TYR B 164 7.61 -24.14 7.20
C TYR B 164 6.63 -24.03 6.02
N PHE B 165 6.07 -22.86 5.78
CA PHE B 165 5.13 -22.74 4.68
C PHE B 165 5.84 -22.39 3.38
N VAL B 166 7.05 -21.89 3.47
CA VAL B 166 7.71 -21.33 2.30
C VAL B 166 7.88 -22.36 1.19
N ASN B 167 7.97 -23.64 1.57
CA ASN B 167 8.18 -24.66 0.55
C ASN B 167 6.97 -25.55 0.30
N ILE B 168 5.84 -25.19 0.92
CA ILE B 168 4.55 -25.64 0.43
C ILE B 168 3.89 -24.47 -0.27
N MET B 169 4.68 -23.45 -0.60
CA MET B 169 4.17 -22.30 -1.34
C MET B 169 4.81 -22.17 -2.71
N LYS B 170 3.99 -21.86 -3.72
CA LYS B 170 4.48 -21.68 -5.08
C LYS B 170 5.32 -20.40 -5.22
N PRO B 171 6.12 -20.31 -6.29
CA PRO B 171 6.83 -19.03 -6.48
C PRO B 171 5.82 -17.94 -6.74
N GLN B 172 6.19 -16.71 -6.42
CA GLN B 172 5.33 -15.52 -6.56
C GLN B 172 4.23 -15.44 -5.52
N SER B 173 4.28 -16.32 -4.53
CA SER B 173 3.31 -16.24 -3.46
C SER B 173 3.61 -15.02 -2.60
N SER B 174 2.64 -14.63 -1.78
CA SER B 174 2.80 -13.45 -0.94
C SER B 174 2.31 -13.72 0.48
N ILE B 175 2.96 -13.08 1.43
CA ILE B 175 2.64 -13.23 2.85
C ILE B 175 2.34 -11.85 3.47
N ILE B 176 1.43 -11.79 4.42
CA ILE B 176 1.26 -10.58 5.20
C ILE B 176 1.07 -10.90 6.68
N SER B 177 1.48 -9.96 7.54
CA SER B 177 1.12 -10.00 8.95
C SER B 177 0.44 -8.69 9.30
N LEU B 178 0.13 -8.52 10.57
CA LEU B 178 -0.50 -7.29 11.05
C LEU B 178 0.32 -6.66 12.16
N THR B 179 0.43 -5.35 12.15
CA THR B 179 1.24 -4.66 13.16
C THR B 179 0.51 -3.42 13.68
N TYR B 180 1.09 -2.77 14.68
CA TYR B 180 0.52 -1.55 15.22
C TYR B 180 1.58 -0.46 15.44
N HIS B 181 1.18 0.77 15.18
CA HIS B 181 2.07 1.93 15.15
C HIS B 181 2.85 2.17 16.43
N ALA B 182 2.47 1.50 17.52
CA ALA B 182 3.15 1.67 18.80
C ALA B 182 4.61 1.18 18.76
N SER B 183 4.96 0.43 17.73
CA SER B 183 6.34 0.08 17.46
C SER B 183 7.18 1.31 17.12
N GLN B 184 6.59 2.25 16.37
CA GLN B 184 7.31 3.43 15.91
C GLN B 184 7.14 4.64 16.81
N LYS B 185 5.98 4.77 17.44
CA LYS B 185 5.70 5.88 18.34
C LYS B 185 5.11 5.36 19.62
N VAL B 186 5.18 6.13 20.68
CA VAL B 186 4.76 5.69 22.00
C VAL B 186 3.25 5.76 22.26
N VAL B 187 2.68 4.61 22.60
CA VAL B 187 1.27 4.49 22.94
C VAL B 187 1.27 3.89 24.33
N PRO B 188 1.16 4.74 25.35
CA PRO B 188 1.22 4.21 26.72
C PRO B 188 0.03 3.29 26.93
N GLY B 189 0.26 2.11 27.54
CA GLY B 189 -0.82 1.17 27.77
C GLY B 189 -0.88 0.02 26.78
N TYR B 190 -0.05 0.08 25.75
CA TYR B 190 0.14 -1.06 24.87
C TYR B 190 1.36 -1.80 25.38
N GLY B 191 1.19 -2.57 26.44
CA GLY B 191 2.34 -3.09 27.16
C GLY B 191 2.66 -4.57 27.00
N GLY B 192 3.47 -5.08 27.93
CA GLY B 192 3.85 -6.47 27.96
C GLY B 192 4.90 -6.85 26.94
N GLY B 193 5.48 -5.85 26.27
CA GLY B 193 6.43 -6.11 25.22
C GLY B 193 5.74 -6.19 23.86
N MET B 194 4.48 -5.78 23.84
CA MET B 194 3.69 -5.86 22.63
C MET B 194 4.24 -4.85 21.61
N SER B 195 4.66 -3.69 22.09
CA SER B 195 5.30 -2.69 21.23
C SER B 195 6.61 -3.28 20.70
N SER B 196 7.35 -3.91 21.60
CA SER B 196 8.63 -4.50 21.26
C SER B 196 8.47 -5.57 20.18
N ALA B 197 7.37 -6.33 20.23
CA ALA B 197 7.15 -7.41 19.27
C ALA B 197 6.70 -6.90 17.91
N LYS B 198 5.92 -5.82 17.91
CA LYS B 198 5.57 -5.13 16.67
C LYS B 198 6.82 -4.49 16.05
N ALA B 199 7.67 -3.91 16.90
CA ALA B 199 8.96 -3.41 16.44
C ALA B 199 9.82 -4.50 15.80
N ALA B 200 9.88 -5.65 16.45
CA ALA B 200 10.64 -6.78 15.97
C ALA B 200 10.01 -7.32 14.69
N LEU B 201 8.71 -7.50 14.73
CA LEU B 201 8.01 -8.03 13.58
C LEU B 201 8.17 -7.16 12.32
N GLU B 202 8.23 -5.84 12.48
CA GLU B 202 8.37 -4.94 11.33
C GLU B 202 9.77 -4.98 10.74
N SER B 203 10.75 -5.22 11.60
CA SER B 203 12.11 -5.43 11.20
C SER B 203 12.27 -6.80 10.47
N ASP B 204 11.74 -7.87 11.06
CA ASP B 204 11.85 -9.20 10.48
C ASP B 204 11.21 -9.20 9.10
N THR B 205 10.14 -8.43 8.95
CA THR B 205 9.45 -8.32 7.67
C THR B 205 10.40 -7.87 6.54
N ARG B 206 11.27 -6.92 6.85
CA ARG B 206 12.29 -6.46 5.91
C ARG B 206 13.35 -7.53 5.62
N VAL B 207 13.83 -8.20 6.66
CA VAL B 207 14.86 -9.21 6.53
C VAL B 207 14.33 -10.47 5.83
N LEU B 208 13.13 -10.89 6.22
CA LEU B 208 12.48 -12.00 5.56
C LEU B 208 12.19 -11.65 4.10
N ALA B 209 11.89 -10.39 3.82
CA ALA B 209 11.53 -9.98 2.47
C ALA B 209 12.73 -10.10 1.55
N TYR B 210 13.91 -9.81 2.08
CA TYR B 210 15.14 -9.99 1.34
C TYR B 210 15.40 -11.47 1.01
N HIS B 211 15.26 -12.33 2.01
CA HIS B 211 15.57 -13.75 1.86
C HIS B 211 14.57 -14.48 0.99
N LEU B 212 13.29 -14.28 1.29
CA LEU B 212 12.23 -14.92 0.55
C LEU B 212 12.19 -14.42 -0.88
N GLY B 213 12.57 -13.16 -1.06
CA GLY B 213 12.61 -12.57 -2.38
C GLY B 213 13.62 -13.26 -3.26
N ARG B 214 14.91 -13.02 -3.00
CA ARG B 214 15.98 -13.63 -3.80
C ARG B 214 15.84 -15.14 -3.95
N ASN B 215 15.57 -15.83 -2.84
CA ASN B 215 15.59 -17.28 -2.78
C ASN B 215 14.33 -18.00 -3.28
N TYR B 216 13.16 -17.43 -3.03
CA TYR B 216 11.92 -18.15 -3.31
C TYR B 216 10.98 -17.35 -4.19
N ASN B 217 11.43 -16.20 -4.68
CA ASN B 217 10.54 -15.26 -5.37
C ASN B 217 9.19 -15.05 -4.63
N ILE B 218 9.27 -14.86 -3.32
CA ILE B 218 8.07 -14.77 -2.48
C ILE B 218 8.11 -13.47 -1.71
N ARG B 219 6.98 -12.76 -1.67
CA ARG B 219 6.91 -11.46 -1.01
C ARG B 219 6.29 -11.57 0.37
N ILE B 220 6.69 -10.65 1.24
CA ILE B 220 6.13 -10.51 2.58
C ILE B 220 6.03 -9.04 2.89
N ASN B 221 4.88 -8.62 3.40
CA ASN B 221 4.67 -7.26 3.88
C ASN B 221 3.91 -7.32 5.19
N THR B 222 3.69 -6.18 5.81
CA THR B 222 2.91 -6.14 7.02
C THR B 222 1.98 -4.94 6.98
N ILE B 223 0.77 -5.10 7.50
CA ILE B 223 -0.18 -4.01 7.57
C ILE B 223 -0.27 -3.38 8.97
N SER B 224 0.01 -2.09 9.07
CA SER B 224 -0.16 -1.40 10.33
C SER B 224 -1.59 -0.88 10.44
N ALA B 225 -2.42 -1.62 11.14
CA ALA B 225 -3.84 -1.34 11.19
C ALA B 225 -4.21 -0.35 12.29
N GLY B 226 -5.36 0.30 12.14
CA GLY B 226 -5.89 1.17 13.18
C GLY B 226 -6.60 0.33 14.22
N PRO B 227 -7.30 0.98 15.15
CA PRO B 227 -8.05 0.33 16.23
C PRO B 227 -9.35 -0.33 15.76
N LEU B 228 -9.52 -1.59 16.13
CA LEU B 228 -10.72 -2.35 15.88
C LEU B 228 -11.06 -3.01 17.20
N LYS B 229 -12.35 -3.10 17.52
CA LYS B 229 -12.76 -3.69 18.80
C LYS B 229 -12.79 -5.20 18.70
N SER B 230 -11.61 -5.78 18.53
CA SER B 230 -11.42 -7.21 18.51
C SER B 230 -11.40 -7.78 19.94
N ARG B 231 -11.49 -9.10 20.03
CA ARG B 231 -11.38 -9.81 21.30
C ARG B 231 -10.09 -9.42 21.99
N ALA B 232 -9.00 -9.51 21.25
CA ALA B 232 -7.66 -9.24 21.77
C ALA B 232 -7.43 -7.78 22.16
N ALA B 233 -8.14 -6.87 21.50
CA ALA B 233 -8.03 -5.45 21.84
C ALA B 233 -8.49 -5.17 23.27
N THR B 234 -9.45 -5.97 23.74
CA THR B 234 -9.95 -5.84 25.11
C THR B 234 -9.10 -6.65 26.12
N ALA B 235 -7.88 -6.98 25.71
CA ALA B 235 -6.94 -7.60 26.63
C ALA B 235 -6.36 -6.55 27.58
N ILE B 236 -6.99 -5.38 27.61
CA ILE B 236 -6.65 -4.30 28.53
C ILE B 236 -7.83 -3.38 28.84
N THR B 280 -10.76 0.17 29.00
CA THR B 280 -11.50 0.86 27.94
C THR B 280 -10.53 1.33 26.85
N PHE B 281 -9.23 1.01 27.01
CA PHE B 281 -8.27 1.32 25.96
C PHE B 281 -8.64 0.52 24.72
N ILE B 282 -8.98 1.26 23.67
CA ILE B 282 -9.51 0.72 22.43
C ILE B 282 -10.79 1.48 22.12
N ASP B 283 -11.70 1.54 23.09
CA ASP B 283 -12.87 2.39 22.98
C ASP B 283 -12.37 3.84 22.92
N TYR B 284 -11.39 4.12 23.76
CA TYR B 284 -10.72 5.40 23.75
C TYR B 284 -9.93 5.56 22.45
N ALA B 285 -9.20 4.50 22.09
CA ALA B 285 -8.42 4.49 20.85
C ALA B 285 -9.27 4.69 19.59
N ILE B 286 -10.47 4.09 19.56
CA ILE B 286 -11.40 4.26 18.46
C ILE B 286 -12.01 5.65 18.48
N GLU B 287 -12.30 6.12 19.69
CA GLU B 287 -12.82 7.45 19.88
C GLU B 287 -11.82 8.45 19.33
N TYR B 288 -10.59 8.35 19.80
CA TYR B 288 -9.53 9.27 19.40
C TYR B 288 -9.32 9.24 17.90
N SER B 289 -9.18 8.04 17.34
CA SER B 289 -8.93 7.90 15.92
C SER B 289 -10.03 8.51 15.06
N GLU B 290 -11.29 8.36 15.48
CA GLU B 290 -12.40 8.85 14.68
C GLU B 290 -12.61 10.35 14.77
N LYS B 291 -11.91 11.00 15.70
CA LYS B 291 -11.97 12.45 15.83
C LYS B 291 -10.72 13.16 15.31
N TYR B 292 -9.60 12.44 15.20
CA TYR B 292 -8.35 13.09 14.82
C TYR B 292 -7.73 12.62 13.52
N ALA B 293 -8.17 11.47 13.02
CA ALA B 293 -7.63 10.95 11.78
C ALA B 293 -8.08 11.83 10.63
N PRO B 294 -7.24 11.98 9.61
CA PRO B 294 -7.63 12.64 8.37
C PRO B 294 -8.98 12.15 7.83
N LEU B 295 -9.20 10.84 7.79
CA LEU B 295 -10.48 10.29 7.37
C LEU B 295 -11.34 9.98 8.59
N ARG B 296 -12.56 10.50 8.59
CA ARG B 296 -13.41 10.38 9.78
C ARG B 296 -14.43 9.25 9.72
N GLN B 297 -14.40 8.49 8.64
CA GLN B 297 -15.17 7.26 8.54
C GLN B 297 -14.78 6.29 9.67
N LYS B 298 -15.66 5.34 9.95
CA LYS B 298 -15.36 4.30 10.90
C LYS B 298 -14.45 3.29 10.22
N LEU B 299 -13.43 2.82 10.95
CA LEU B 299 -12.48 1.87 10.39
C LEU B 299 -12.99 0.46 10.56
N LEU B 300 -13.31 -0.17 9.44
CA LEU B 300 -13.82 -1.53 9.43
C LEU B 300 -12.68 -2.52 9.29
N SER B 301 -12.94 -3.78 9.61
CA SER B 301 -11.91 -4.79 9.41
C SER B 301 -11.82 -5.12 7.94
N THR B 302 -12.95 -5.00 7.25
CA THR B 302 -12.95 -5.21 5.80
C THR B 302 -12.05 -4.19 5.07
N ASP B 303 -11.84 -3.02 5.70
CA ASP B 303 -10.92 -2.01 5.17
C ASP B 303 -9.50 -2.55 5.14
N ILE B 304 -9.11 -3.19 6.24
CA ILE B 304 -7.83 -3.89 6.30
C ILE B 304 -7.83 -5.07 5.33
N GLY B 305 -8.98 -5.75 5.25
CA GLY B 305 -9.15 -6.92 4.41
C GLY B 305 -8.93 -6.68 2.93
N SER B 306 -9.45 -5.57 2.42
CA SER B 306 -9.28 -5.26 1.01
C SER B 306 -7.85 -4.87 0.63
N VAL B 307 -7.12 -4.31 1.60
CA VAL B 307 -5.71 -4.01 1.42
C VAL B 307 -4.88 -5.29 1.50
N ALA B 308 -5.17 -6.10 2.52
CA ALA B 308 -4.53 -7.41 2.64
C ALA B 308 -4.70 -8.19 1.34
N SER B 309 -5.92 -8.30 0.86
CA SER B 309 -6.20 -8.94 -0.39
C SER B 309 -5.33 -8.39 -1.55
N PHE B 310 -5.24 -7.07 -1.65
CA PHE B 310 -4.38 -6.44 -2.64
C PHE B 310 -2.91 -6.85 -2.48
N LEU B 311 -2.39 -6.71 -1.27
CA LEU B 311 -1.01 -7.11 -0.98
C LEU B 311 -0.77 -8.56 -1.39
N LEU B 312 -1.79 -9.39 -1.23
CA LEU B 312 -1.67 -10.82 -1.49
C LEU B 312 -1.78 -11.14 -2.99
N SER B 313 -2.38 -10.21 -3.74
CA SER B 313 -2.56 -10.42 -5.17
C SER B 313 -1.30 -10.04 -5.96
N ARG B 314 -1.30 -10.38 -7.23
CA ARG B 314 -0.16 -10.06 -8.07
C ARG B 314 -0.09 -8.57 -8.37
N GLU B 315 -1.11 -7.83 -7.95
CA GLU B 315 -1.13 -6.39 -8.21
C GLU B 315 -0.04 -5.64 -7.44
N SER B 316 0.34 -6.16 -6.27
CA SER B 316 1.39 -5.55 -5.48
C SER B 316 2.74 -6.24 -5.73
N ARG B 317 2.80 -6.96 -6.83
CA ARG B 317 3.98 -7.69 -7.28
C ARG B 317 5.36 -7.03 -7.04
N ALA B 318 5.41 -5.70 -6.94
CA ALA B 318 6.69 -4.98 -6.80
C ALA B 318 6.85 -4.30 -5.44
N ILE B 319 5.90 -4.54 -4.56
CA ILE B 319 5.94 -4.08 -3.19
C ILE B 319 6.34 -5.26 -2.33
N THR B 320 7.50 -5.18 -1.68
CA THR B 320 7.87 -6.21 -0.69
C THR B 320 8.65 -5.58 0.48
N GLY B 321 8.49 -6.16 1.67
CA GLY B 321 9.20 -5.72 2.84
C GLY B 321 8.62 -4.51 3.55
N GLN B 322 7.43 -4.08 3.13
CA GLN B 322 6.89 -2.81 3.60
C GLN B 322 5.91 -2.90 4.77
N THR B 323 5.86 -1.81 5.54
CA THR B 323 4.80 -1.58 6.51
C THR B 323 3.82 -0.58 5.91
N ILE B 324 2.71 -1.07 5.41
CA ILE B 324 1.64 -0.26 4.87
C ILE B 324 0.64 0.15 5.96
N TYR B 325 0.36 1.44 6.10
CA TYR B 325 -0.61 1.88 7.10
C TYR B 325 -2.03 1.89 6.58
N VAL B 326 -2.92 1.19 7.29
CA VAL B 326 -4.34 1.18 6.98
C VAL B 326 -5.12 1.63 8.21
N ASP B 327 -5.29 2.94 8.34
CA ASP B 327 -5.68 3.52 9.63
C ASP B 327 -6.32 4.90 9.48
N ASN B 328 -6.84 5.18 8.30
CA ASN B 328 -7.40 6.49 8.01
C ASN B 328 -6.36 7.58 8.22
N GLY B 329 -5.09 7.19 8.06
CA GLY B 329 -3.99 8.14 8.03
C GLY B 329 -3.60 8.76 9.35
N LEU B 330 -3.98 8.14 10.47
CA LEU B 330 -3.76 8.74 11.80
C LEU B 330 -2.27 8.88 12.04
N ASN B 331 -1.52 7.91 11.54
CA ASN B 331 -0.08 7.88 11.74
C ASN B 331 0.66 9.13 11.27
N ILE B 332 0.01 9.93 10.42
CA ILE B 332 0.66 11.11 9.86
C ILE B 332 0.59 12.32 10.76
N MET B 333 -0.32 12.31 11.72
CA MET B 333 -0.56 13.48 12.57
C MET B 333 0.48 13.57 13.68
N PHE B 334 0.93 14.79 13.99
CA PHE B 334 1.79 15.05 15.14
C PHE B 334 0.95 15.71 16.22
N LEU B 335 0.24 16.76 15.81
CA LEU B 335 -0.54 17.57 16.72
C LEU B 335 -2.03 17.43 16.48
N PRO B 336 -2.81 17.25 17.56
CA PRO B 336 -4.26 17.40 17.53
C PRO B 336 -4.66 18.81 17.09
N ASP B 337 -5.90 19.19 17.34
CA ASP B 337 -6.34 20.54 16.98
C ASP B 337 -7.70 20.86 17.62
S SO4 C . 6.43 10.06 -17.05
O1 SO4 C . 6.61 11.29 -16.25
O2 SO4 C . 4.97 9.75 -17.07
O3 SO4 C . 7.21 8.96 -16.40
O4 SO4 C . 6.91 10.30 -18.44
PA NAD D . -8.18 -11.22 17.43
O1A NAD D . -8.30 -11.72 18.85
O2A NAD D . -9.35 -11.41 16.48
O5B NAD D . -6.90 -11.92 16.75
C5B NAD D . -5.98 -12.72 17.48
C4B NAD D . -6.38 -14.17 17.32
O4B NAD D . -5.24 -15.02 17.29
C3B NAD D . -7.23 -14.62 18.50
O3B NAD D . -8.56 -14.94 18.06
C2B NAD D . -6.53 -15.83 19.10
O2B NAD D . -7.42 -16.93 19.30
C1B NAD D . -5.44 -16.18 18.10
N9A NAD D . -4.20 -16.56 18.80
C8A NAD D . -3.61 -15.96 19.87
N7A NAD D . -2.45 -16.61 20.27
C5A NAD D . -2.28 -17.63 19.42
C6A NAD D . -1.31 -18.73 19.17
N6A NAD D . -0.37 -19.03 20.07
N1A NAD D . -1.47 -19.39 18.02
C2A NAD D . -2.55 -19.34 17.32
N3A NAD D . -3.50 -18.52 17.51
C4A NAD D . -3.40 -17.58 18.51
O3 NAD D . -7.80 -9.65 17.50
PN NAD D . -7.22 -8.80 16.25
O1N NAD D . -8.01 -9.13 15.01
O2N NAD D . -7.11 -7.36 16.72
O5D NAD D . -5.72 -9.37 16.10
C5D NAD D . -5.17 -9.80 14.84
C4D NAD D . -3.89 -9.02 14.56
O4D NAD D . -4.16 -7.63 14.32
C3D NAD D . -2.89 -9.07 15.71
O3D NAD D . -1.59 -9.38 15.18
C2D NAD D . -2.88 -7.65 16.29
O2D NAD D . -1.60 -7.33 16.84
C1D NAD D . -3.22 -6.83 15.05
N1N NAD D . -3.74 -5.48 15.31
C2N NAD D . -4.92 -5.29 15.94
C3N NAD D . -5.39 -3.99 16.15
C7N NAD D . -6.70 -3.74 16.84
O7N NAD D . -7.00 -2.50 17.20
N7N NAD D . -7.53 -4.67 17.10
C4N NAD D . -4.66 -2.91 15.71
C5N NAD D . -3.44 -3.13 15.06
C6N NAD D . -3.01 -4.44 14.86
CL2 7PC E . -4.34 -9.69 19.07
C15 7PC E . -3.58 -8.93 20.51
C16 7PC E . -3.45 -9.66 21.69
C14 7PC E . -3.12 -7.63 20.46
C19 7PC E . -2.54 -7.04 21.58
C22 7PC E . -2.41 -7.77 22.76
C17 7PC E . -2.88 -9.08 22.82
C29 7PC E . -2.77 -9.79 23.90
N30 7PC E . -2.69 -10.44 24.86
O13 7PC E . -3.25 -6.94 19.28
C2 7PC E . -3.67 -5.64 19.30
C1 7PC E . -2.90 -4.68 18.69
O22 7PC E . -1.74 -5.03 18.07
C6 7PC E . -3.31 -3.35 18.71
C5 7PC E . -4.50 -3.02 19.34
C4 7PC E . -5.27 -3.98 19.96
C3 7PC E . -4.86 -5.31 19.93
C7 7PC E . -4.94 -1.60 19.38
N23 7PC E . -5.12 -0.91 18.23
C24 7PC E . -5.50 0.37 18.25
C25 7PC E . -5.73 1.02 19.47
C26 7PC E . -5.56 0.34 20.67
C27 7PC E . -5.15 -0.99 20.62
#